data_1S3Y
#
_entry.id   1S3Y
#
_cell.length_a   37.359
_cell.length_b   43.286
_cell.length_c   61.397
_cell.angle_alpha   90.00
_cell.angle_beta   94.65
_cell.angle_gamma   90.00
#
_symmetry.space_group_name_H-M   'P 1 21 1'
#
loop_
_entity.id
_entity.type
_entity.pdbx_description
1 polymer 'Dihydrofolate reductase'
2 non-polymer 'NADP NICOTINAMIDE-ADENINE-DINUCLEOTIDE PHOSPHATE'
3 non-polymer 6-(OCTAHYDRO-1H-INDOL-1-YLMETHYL)DECAHYDROQUINAZOLINE-2,4-DIAMINE
4 water water
#
_entity_poly.entity_id   1
_entity_poly.type   'polypeptide(L)'
_entity_poly.pdbx_seq_one_letter_code
;MNQQKSLTLIVALTTSYGIGRSNSLPWKLKKEISYFKRVTSFVPTFDSFESMNVVLMGRKTWESIPLQFRPLKGRINVVI
TRNESLDLGNGIHSAKSLDHALELLYRTYGSESSVQINRIFVIGGAQLYKAAMDHPKLDRIMATIIYKDIHCDVFFPLKF
RDKEWSSVWKKEKHSDLESWVGTKVPHGKINEDGFDYEFEMWTRDL
;
_entity_poly.pdbx_strand_id   A
#
loop_
_chem_comp.id
_chem_comp.type
_chem_comp.name
_chem_comp.formula
NAP non-polymer 'NADP NICOTINAMIDE-ADENINE-DINUCLEOTIDE PHOSPHATE' 'C21 H28 N7 O17 P3'
TQT non-polymer 6-(OCTAHYDRO-1H-INDOL-1-YLMETHYL)DECAHYDROQUINAZOLINE-2,4-DIAMINE 'C17 H33 N5'
#
# COMPACT_ATOMS: atom_id res chain seq x y z
N MET A 1 18.89 14.71 0.48
CA MET A 1 17.45 14.98 0.18
C MET A 1 16.78 13.84 -0.58
N ASN A 2 16.86 12.64 -0.02
CA ASN A 2 16.28 11.45 -0.64
C ASN A 2 15.24 10.83 0.28
N GLN A 3 15.14 11.35 1.49
CA GLN A 3 14.20 10.85 2.48
C GLN A 3 13.41 11.99 3.13
N GLN A 4 12.82 12.85 2.29
CA GLN A 4 12.02 13.98 2.78
C GLN A 4 10.56 13.57 2.97
N LYS A 5 10.27 12.29 2.78
CA LYS A 5 8.92 11.76 2.92
C LYS A 5 8.91 10.35 3.53
N SER A 6 7.91 10.09 4.37
CA SER A 6 7.81 8.78 4.98
C SER A 6 6.93 7.87 4.12
N LEU A 7 7.10 6.56 4.24
CA LEU A 7 6.33 5.62 3.43
C LEU A 7 5.14 5.03 4.20
N THR A 8 4.14 4.59 3.46
CA THR A 8 2.98 3.95 4.08
C THR A 8 2.71 2.62 3.40
N LEU A 9 2.50 1.60 4.22
CA LEU A 9 2.23 0.26 3.74
C LEU A 9 0.71 0.05 3.82
N ILE A 10 0.09 -0.43 2.75
CA ILE A 10 -1.35 -0.67 2.77
C ILE A 10 -1.46 -2.13 2.37
N VAL A 11 -2.27 -2.89 3.11
CA VAL A 11 -2.37 -4.32 2.87
C VAL A 11 -3.66 -4.90 3.46
N ALA A 12 -4.07 -6.05 2.94
CA ALA A 12 -5.26 -6.77 3.41
C ALA A 12 -4.73 -8.13 3.81
N LEU A 13 -5.00 -8.58 5.03
CA LEU A 13 -4.49 -9.87 5.48
C LEU A 13 -5.40 -10.54 6.50
N THR A 14 -5.23 -11.83 6.71
CA THR A 14 -6.06 -12.53 7.67
C THR A 14 -5.42 -12.49 9.05
N THR A 15 -6.17 -12.88 10.08
CA THR A 15 -5.66 -12.89 11.44
C THR A 15 -4.37 -13.74 11.52
N SER A 16 -4.18 -14.64 10.55
CA SER A 16 -2.99 -15.48 10.51
C SER A 16 -1.90 -14.87 9.63
N TYR A 17 -2.13 -13.63 9.23
CA TYR A 17 -1.20 -12.89 8.40
C TYR A 17 -1.09 -13.42 6.97
N GLY A 18 -2.07 -14.19 6.55
CA GLY A 18 -2.04 -14.69 5.18
C GLY A 18 -2.37 -13.55 4.25
N ILE A 19 -1.67 -13.41 3.13
CA ILE A 19 -1.96 -12.35 2.20
C ILE A 19 -2.07 -12.86 0.77
N GLY A 20 -1.83 -14.15 0.59
CA GLY A 20 -1.88 -14.69 -0.76
C GLY A 20 -2.06 -16.20 -0.81
N ARG A 21 -2.66 -16.66 -1.89
CA ARG A 21 -2.92 -18.07 -2.09
C ARG A 21 -2.55 -18.45 -3.51
N SER A 22 -1.46 -19.20 -3.64
CA SER A 22 -0.97 -19.68 -4.93
C SER A 22 -1.64 -18.90 -6.03
N ASN A 23 -1.31 -17.60 -6.11
CA ASN A 23 -1.89 -16.69 -7.12
C ASN A 23 -3.36 -16.37 -6.78
N SER A 24 -4.20 -17.40 -6.82
CA SER A 24 -5.62 -17.33 -6.53
C SER A 24 -6.27 -15.99 -6.12
N LEU A 25 -6.22 -15.74 -4.81
CA LEU A 25 -6.75 -14.54 -4.15
C LEU A 25 -7.99 -14.96 -3.40
N PRO A 26 -7.83 -15.62 -2.24
CA PRO A 26 -8.82 -16.15 -1.31
C PRO A 26 -10.15 -15.46 -1.00
N TRP A 27 -10.40 -14.26 -1.53
CA TRP A 27 -11.64 -13.59 -1.18
C TRP A 27 -12.19 -12.57 -2.18
N LYS A 28 -13.51 -12.38 -2.14
CA LYS A 28 -14.22 -11.45 -3.00
C LYS A 28 -14.69 -10.24 -2.20
N LEU A 29 -13.93 -9.15 -2.27
CA LEU A 29 -14.23 -7.91 -1.54
C LEU A 29 -14.28 -6.65 -2.41
N LYS A 30 -15.42 -6.44 -3.07
CA LYS A 30 -15.57 -5.27 -3.94
C LYS A 30 -15.45 -3.97 -3.14
N LYS A 31 -15.92 -4.00 -1.90
CA LYS A 31 -15.87 -2.83 -1.01
C LYS A 31 -14.45 -2.53 -0.53
N GLU A 32 -13.68 -3.58 -0.29
CA GLU A 32 -12.31 -3.42 0.18
C GLU A 32 -11.52 -2.66 -0.88
N ILE A 33 -11.62 -3.10 -2.13
CA ILE A 33 -10.94 -2.46 -3.27
C ILE A 33 -11.33 -0.98 -3.32
N SER A 34 -12.60 -0.74 -3.04
CA SER A 34 -13.13 0.62 -3.06
C SER A 34 -12.38 1.45 -2.03
N TYR A 35 -12.18 0.87 -0.84
CA TYR A 35 -11.47 1.56 0.22
C TYR A 35 -10.03 1.79 -0.24
N PHE A 36 -9.43 0.73 -0.79
CA PHE A 36 -8.06 0.77 -1.29
C PHE A 36 -7.86 1.92 -2.25
N LYS A 37 -8.72 2.00 -3.26
CA LYS A 37 -8.64 3.05 -4.25
C LYS A 37 -8.80 4.43 -3.60
N ARG A 38 -9.76 4.54 -2.69
CA ARG A 38 -10.02 5.81 -2.03
C ARG A 38 -8.82 6.27 -1.21
N VAL A 39 -8.24 5.36 -0.43
CA VAL A 39 -7.09 5.72 0.40
C VAL A 39 -5.87 6.11 -0.42
N THR A 40 -5.50 5.31 -1.41
CA THR A 40 -4.32 5.61 -2.22
C THR A 40 -4.49 6.75 -3.22
N SER A 41 -5.72 7.23 -3.38
CA SER A 41 -5.99 8.33 -4.31
C SER A 41 -6.18 9.66 -3.60
N PHE A 42 -6.64 9.62 -2.35
CA PHE A 42 -6.90 10.84 -1.61
C PHE A 42 -5.73 11.83 -1.55
N VAL A 43 -6.04 13.10 -1.78
CA VAL A 43 -5.06 14.16 -1.76
C VAL A 43 -5.78 15.44 -1.36
N PRO A 44 -5.17 16.27 -0.51
CA PRO A 44 -5.79 17.52 -0.07
C PRO A 44 -6.34 18.36 -1.24
N THR A 45 -7.64 18.67 -1.17
CA THR A 45 -8.30 19.44 -2.24
C THR A 45 -7.48 20.64 -2.68
N PHE A 46 -7.02 21.43 -1.73
CA PHE A 46 -6.24 22.62 -2.06
C PHE A 46 -5.12 22.31 -3.05
N ASP A 47 -4.28 21.35 -2.69
CA ASP A 47 -3.16 20.95 -3.53
C ASP A 47 -3.49 19.73 -4.40
N SER A 48 -4.71 19.67 -4.91
CA SER A 48 -5.12 18.56 -5.77
C SER A 48 -4.91 18.87 -7.23
N PHE A 49 -4.59 20.12 -7.54
CA PHE A 49 -4.38 20.53 -8.91
C PHE A 49 -3.14 19.91 -9.55
N GLU A 50 -2.15 19.61 -8.73
CA GLU A 50 -0.91 19.01 -9.22
C GLU A 50 -0.46 17.78 -8.44
N SER A 51 -0.56 17.84 -7.12
CA SER A 51 -0.15 16.74 -6.26
C SER A 51 -0.79 15.40 -6.60
N MET A 52 0.00 14.34 -6.53
CA MET A 52 -0.48 12.99 -6.81
C MET A 52 0.23 12.03 -5.88
N ASN A 53 -0.44 10.94 -5.53
CA ASN A 53 0.17 9.95 -4.66
C ASN A 53 0.90 8.95 -5.51
N VAL A 54 1.72 8.12 -4.86
CA VAL A 54 2.49 7.10 -5.56
C VAL A 54 2.22 5.70 -5.00
N VAL A 55 2.19 4.70 -5.89
CA VAL A 55 2.00 3.34 -5.44
C VAL A 55 3.17 2.50 -5.92
N LEU A 56 3.86 1.89 -4.97
CA LEU A 56 5.00 1.05 -5.27
C LEU A 56 4.53 -0.38 -5.09
N MET A 57 4.92 -1.26 -6.00
CA MET A 57 4.50 -2.65 -5.92
C MET A 57 5.53 -3.53 -6.60
N GLY A 58 5.53 -4.79 -6.21
CA GLY A 58 6.43 -5.76 -6.80
C GLY A 58 5.87 -6.25 -8.12
N ARG A 59 6.73 -6.85 -8.95
CA ARG A 59 6.34 -7.35 -10.26
C ARG A 59 5.13 -8.27 -10.21
N LYS A 60 5.20 -9.30 -9.37
CA LYS A 60 4.10 -10.26 -9.23
C LYS A 60 2.76 -9.56 -9.02
N THR A 61 2.77 -8.51 -8.20
CA THR A 61 1.57 -7.77 -7.93
C THR A 61 1.08 -7.12 -9.22
N TRP A 62 2.00 -6.49 -9.95
CA TRP A 62 1.65 -5.83 -11.19
C TRP A 62 0.96 -6.77 -12.18
N GLU A 63 1.35 -8.04 -12.16
CA GLU A 63 0.77 -9.03 -13.06
C GLU A 63 -0.58 -9.48 -12.50
N SER A 64 -0.66 -9.58 -11.18
CA SER A 64 -1.88 -10.01 -10.50
C SER A 64 -3.07 -9.07 -10.81
N ILE A 65 -2.78 -7.89 -11.35
CA ILE A 65 -3.83 -6.94 -11.67
C ILE A 65 -4.24 -7.03 -13.14
N PRO A 66 -5.55 -7.19 -13.41
CA PRO A 66 -6.07 -7.29 -14.77
C PRO A 66 -5.72 -6.07 -15.60
N LEU A 67 -5.48 -6.28 -16.88
CA LEU A 67 -5.14 -5.19 -17.80
C LEU A 67 -6.12 -4.05 -17.61
N GLN A 68 -7.32 -4.41 -17.17
CA GLN A 68 -8.39 -3.43 -16.95
C GLN A 68 -7.95 -2.23 -16.13
N PHE A 69 -7.58 -2.47 -14.88
CA PHE A 69 -7.17 -1.42 -13.97
C PHE A 69 -5.68 -1.13 -13.96
N ARG A 70 -4.99 -1.46 -15.05
CA ARG A 70 -3.56 -1.21 -15.15
C ARG A 70 -3.22 -0.18 -16.24
N PRO A 71 -2.52 0.90 -15.86
CA PRO A 71 -2.05 1.17 -14.49
C PRO A 71 -3.11 1.88 -13.62
N LEU A 72 -2.89 1.87 -12.31
CA LEU A 72 -3.82 2.53 -11.40
C LEU A 72 -3.88 4.00 -11.75
N LYS A 73 -5.00 4.43 -12.31
CA LYS A 73 -5.20 5.82 -12.72
C LYS A 73 -5.26 6.79 -11.55
N GLY A 74 -4.83 8.02 -11.82
CA GLY A 74 -4.85 9.05 -10.81
C GLY A 74 -3.72 8.90 -9.82
N ARG A 75 -2.87 7.88 -10.03
CA ARG A 75 -1.74 7.63 -9.14
C ARG A 75 -0.48 7.23 -9.92
N ILE A 76 0.67 7.73 -9.48
CA ILE A 76 1.94 7.42 -10.12
C ILE A 76 2.29 5.96 -9.85
N ASN A 77 2.40 5.15 -10.91
CA ASN A 77 2.73 3.74 -10.74
C ASN A 77 4.21 3.44 -10.98
N VAL A 78 4.81 2.70 -10.06
CA VAL A 78 6.21 2.34 -10.16
C VAL A 78 6.35 0.89 -9.72
N VAL A 79 6.82 0.06 -10.63
CA VAL A 79 7.04 -1.35 -10.35
C VAL A 79 8.51 -1.59 -10.02
N ILE A 80 8.77 -2.35 -8.96
CA ILE A 80 10.13 -2.67 -8.53
C ILE A 80 10.51 -4.02 -9.13
N THR A 81 11.70 -4.08 -9.73
CA THR A 81 12.16 -5.32 -10.36
C THR A 81 13.61 -5.19 -10.81
N ARG A 82 14.35 -6.28 -10.65
CA ARG A 82 15.76 -6.34 -11.04
C ARG A 82 15.87 -6.76 -12.50
N ASN A 83 15.43 -7.98 -12.78
CA ASN A 83 15.47 -8.49 -14.14
C ASN A 83 14.39 -7.81 -14.99
N GLU A 84 14.74 -6.66 -15.54
CA GLU A 84 13.82 -5.90 -16.39
C GLU A 84 14.19 -6.00 -17.86
N SER A 85 13.50 -6.88 -18.58
CA SER A 85 13.76 -7.08 -19.99
C SER A 85 12.75 -6.31 -20.85
N LEU A 86 11.80 -7.03 -21.44
CA LEU A 86 10.77 -6.43 -22.28
C LEU A 86 9.65 -5.77 -21.47
N ASP A 87 10.04 -4.86 -20.59
CA ASP A 87 9.10 -4.13 -19.74
C ASP A 87 8.26 -3.17 -20.57
N LEU A 88 6.95 -3.36 -20.55
CA LEU A 88 6.02 -2.52 -21.30
C LEU A 88 5.73 -1.21 -20.56
N GLY A 89 4.45 -0.89 -20.37
CA GLY A 89 4.09 0.34 -19.69
C GLY A 89 3.93 1.50 -20.65
N ASN A 90 3.63 2.68 -20.12
CA ASN A 90 3.44 3.84 -20.96
C ASN A 90 3.61 5.10 -20.10
N GLY A 91 3.24 4.99 -18.84
CA GLY A 91 3.37 6.09 -17.92
C GLY A 91 3.88 5.59 -16.58
N ILE A 92 4.21 4.29 -16.55
CA ILE A 92 4.71 3.64 -15.34
C ILE A 92 6.22 3.71 -15.28
N HIS A 93 6.77 3.67 -14.07
CA HIS A 93 8.21 3.71 -13.89
C HIS A 93 8.75 2.35 -13.49
N SER A 94 10.07 2.18 -13.57
CA SER A 94 10.69 0.91 -13.21
C SER A 94 11.94 1.11 -12.32
N ALA A 95 12.00 0.38 -11.22
CA ALA A 95 13.13 0.48 -10.28
C ALA A 95 13.58 -0.87 -9.79
N LYS A 96 14.87 -0.99 -9.52
CA LYS A 96 15.40 -2.25 -9.06
C LYS A 96 15.33 -2.45 -7.55
N SER A 97 14.97 -1.41 -6.81
CA SER A 97 14.85 -1.52 -5.35
C SER A 97 14.01 -0.37 -4.80
N LEU A 98 13.60 -0.51 -3.55
CA LEU A 98 12.79 0.49 -2.88
C LEU A 98 13.50 1.84 -2.80
N ASP A 99 14.78 1.84 -2.45
CA ASP A 99 15.49 3.10 -2.36
C ASP A 99 15.75 3.67 -3.75
N HIS A 100 15.98 2.80 -4.73
CA HIS A 100 16.22 3.25 -6.11
C HIS A 100 15.01 3.96 -6.70
N ALA A 101 13.82 3.45 -6.38
CA ALA A 101 12.58 4.05 -6.87
C ALA A 101 12.39 5.43 -6.26
N LEU A 102 12.67 5.54 -4.96
CA LEU A 102 12.51 6.81 -4.29
C LEU A 102 13.35 7.91 -4.94
N GLU A 103 14.64 7.62 -5.13
CA GLU A 103 15.55 8.60 -5.73
C GLU A 103 15.10 9.01 -7.13
N LEU A 104 14.56 8.05 -7.87
CA LEU A 104 14.07 8.36 -9.21
C LEU A 104 12.85 9.29 -9.12
N LEU A 105 11.98 9.03 -8.14
CA LEU A 105 10.77 9.84 -7.96
C LEU A 105 11.10 11.27 -7.58
N TYR A 106 12.16 11.46 -6.81
CA TYR A 106 12.55 12.79 -6.39
C TYR A 106 13.28 13.55 -7.48
N ARG A 107 13.83 12.83 -8.46
CA ARG A 107 14.55 13.47 -9.55
C ARG A 107 13.62 13.72 -10.73
N THR A 108 12.69 12.80 -10.94
CA THR A 108 11.76 12.91 -12.04
C THR A 108 10.61 13.85 -11.71
N TYR A 109 10.32 13.98 -10.42
CA TYR A 109 9.22 14.83 -9.96
C TYR A 109 9.69 15.90 -8.97
N GLY A 110 10.73 16.63 -9.34
CA GLY A 110 11.24 17.67 -8.46
C GLY A 110 10.43 18.95 -8.63
N SER A 111 11.03 20.08 -8.30
CA SER A 111 10.35 21.37 -8.42
C SER A 111 10.23 21.77 -9.89
N GLU A 112 10.95 21.06 -10.75
CA GLU A 112 10.92 21.34 -12.18
C GLU A 112 9.81 20.57 -12.90
N SER A 113 9.01 19.86 -12.13
CA SER A 113 7.91 19.09 -12.69
C SER A 113 6.58 19.72 -12.31
N SER A 114 5.59 19.54 -13.17
CA SER A 114 4.26 20.09 -12.92
C SER A 114 3.44 19.15 -12.06
N VAL A 115 4.05 18.03 -11.69
CA VAL A 115 3.39 17.02 -10.85
C VAL A 115 4.23 16.75 -9.61
N GLN A 116 3.72 17.14 -8.45
CA GLN A 116 4.41 16.95 -7.19
C GLN A 116 3.84 15.77 -6.39
N ILE A 117 4.73 15.00 -5.76
CA ILE A 117 4.33 13.84 -4.98
C ILE A 117 3.70 14.24 -3.65
N ASN A 118 2.66 13.51 -3.23
CA ASN A 118 1.98 13.78 -1.95
C ASN A 118 2.25 12.67 -0.93
N ARG A 119 1.83 11.45 -1.22
CA ARG A 119 2.05 10.33 -0.33
C ARG A 119 2.51 9.12 -1.10
N ILE A 120 3.45 8.36 -0.52
CA ILE A 120 3.96 7.14 -1.13
C ILE A 120 3.33 5.99 -0.38
N PHE A 121 2.74 5.08 -1.14
CA PHE A 121 2.09 3.90 -0.61
C PHE A 121 2.79 2.66 -1.14
N VAL A 122 3.05 1.69 -0.26
CA VAL A 122 3.64 0.40 -0.64
C VAL A 122 2.41 -0.47 -0.61
N ILE A 123 1.98 -0.96 -1.77
CA ILE A 123 0.74 -1.72 -1.84
C ILE A 123 0.85 -3.20 -2.07
N GLY A 124 1.96 -3.64 -2.64
CA GLY A 124 2.02 -5.04 -2.91
C GLY A 124 3.34 -5.72 -3.07
N GLY A 125 3.28 -6.98 -2.68
CA GLY A 125 4.41 -7.85 -2.72
C GLY A 125 4.88 -8.23 -1.33
N ALA A 126 4.79 -9.52 -1.04
CA ALA A 126 5.24 -10.07 0.22
C ALA A 126 6.70 -9.65 0.31
N GLN A 127 7.41 -9.79 -0.81
CA GLN A 127 8.82 -9.40 -0.85
C GLN A 127 9.00 -7.91 -0.64
N LEU A 128 8.21 -7.09 -1.34
CA LEU A 128 8.33 -5.64 -1.24
C LEU A 128 8.00 -5.19 0.17
N TYR A 129 7.07 -5.90 0.78
CA TYR A 129 6.67 -5.58 2.13
C TYR A 129 7.87 -5.82 3.04
N LYS A 130 8.61 -6.90 2.78
CA LYS A 130 9.79 -7.23 3.56
C LYS A 130 10.76 -6.07 3.56
N ALA A 131 11.04 -5.58 2.35
CA ALA A 131 11.97 -4.47 2.17
C ALA A 131 11.43 -3.23 2.86
N ALA A 132 10.12 -3.05 2.78
CA ALA A 132 9.49 -1.90 3.38
C ALA A 132 9.57 -1.94 4.89
N MET A 133 9.15 -3.06 5.48
CA MET A 133 9.19 -3.20 6.94
C MET A 133 10.56 -2.84 7.51
N ASP A 134 11.63 -3.16 6.78
CA ASP A 134 12.99 -2.84 7.24
C ASP A 134 13.38 -1.41 6.92
N HIS A 135 12.56 -0.72 6.14
CA HIS A 135 12.92 0.65 5.79
C HIS A 135 12.73 1.63 6.93
N PRO A 136 13.69 2.55 7.10
CA PRO A 136 13.62 3.55 8.16
C PRO A 136 12.58 4.67 7.98
N LYS A 137 11.90 4.73 6.84
CA LYS A 137 10.88 5.77 6.65
C LYS A 137 9.46 5.22 6.86
N LEU A 138 9.29 3.91 6.74
CA LEU A 138 7.98 3.29 6.91
C LEU A 138 7.48 3.44 8.35
N ASP A 139 6.48 4.29 8.57
CA ASP A 139 6.00 4.49 9.92
C ASP A 139 4.50 4.29 10.05
N ARG A 140 3.90 3.75 9.00
CA ARG A 140 2.46 3.60 8.98
C ARG A 140 2.03 2.38 8.19
N ILE A 141 1.01 1.71 8.69
CA ILE A 141 0.47 0.57 7.98
C ILE A 141 -1.05 0.69 7.98
N MET A 142 -1.62 0.62 6.79
CA MET A 142 -3.06 0.67 6.63
C MET A 142 -3.36 -0.79 6.40
N ALA A 143 -3.99 -1.40 7.39
CA ALA A 143 -4.29 -2.83 7.31
C ALA A 143 -5.76 -3.16 7.29
N THR A 144 -6.12 -4.19 6.54
CA THR A 144 -7.50 -4.65 6.49
C THR A 144 -7.44 -6.07 7.06
N ILE A 145 -8.09 -6.26 8.20
CA ILE A 145 -8.09 -7.56 8.87
C ILE A 145 -9.25 -8.46 8.49
N ILE A 146 -8.94 -9.57 7.82
CA ILE A 146 -9.97 -10.51 7.41
C ILE A 146 -10.11 -11.63 8.44
N TYR A 147 -11.20 -11.58 9.20
CA TYR A 147 -11.47 -12.57 10.23
C TYR A 147 -11.98 -13.88 9.66
N LYS A 148 -11.14 -14.53 8.86
CA LYS A 148 -11.49 -15.80 8.25
C LYS A 148 -10.20 -16.59 7.99
N ASP A 149 -10.01 -17.68 8.71
CA ASP A 149 -8.81 -18.48 8.55
C ASP A 149 -8.81 -19.31 7.26
N ILE A 150 -8.78 -18.62 6.13
CA ILE A 150 -8.78 -19.30 4.84
C ILE A 150 -7.39 -19.87 4.58
N HIS A 151 -7.15 -20.34 3.38
CA HIS A 151 -5.84 -20.92 3.08
C HIS A 151 -5.00 -19.97 2.26
N CYS A 152 -3.76 -19.79 2.68
CA CYS A 152 -2.87 -18.90 1.97
C CYS A 152 -1.49 -19.58 1.93
N ASP A 153 -0.66 -19.17 0.96
CA ASP A 153 0.67 -19.74 0.81
C ASP A 153 1.70 -18.60 0.87
N VAL A 154 1.22 -17.38 1.06
CA VAL A 154 2.06 -16.19 1.16
C VAL A 154 1.62 -15.41 2.38
N PHE A 155 2.56 -15.11 3.26
CA PHE A 155 2.23 -14.39 4.47
C PHE A 155 2.97 -13.08 4.62
N PHE A 156 2.44 -12.20 5.45
CA PHE A 156 3.07 -10.92 5.71
C PHE A 156 4.30 -11.26 6.55
N PRO A 157 5.47 -10.68 6.23
CA PRO A 157 6.74 -10.93 6.93
C PRO A 157 6.88 -10.54 8.39
N LEU A 158 6.04 -9.65 8.89
CA LEU A 158 6.19 -9.26 10.29
C LEU A 158 4.86 -9.15 11.03
N LYS A 159 4.76 -9.86 12.15
CA LYS A 159 3.53 -9.87 12.96
C LYS A 159 3.37 -8.62 13.80
N PHE A 160 3.06 -7.51 13.14
CA PHE A 160 2.92 -6.26 13.84
C PHE A 160 1.71 -6.15 14.77
N ARG A 161 0.80 -7.11 14.72
CA ARG A 161 -0.37 -7.03 15.60
C ARG A 161 -0.21 -7.92 16.83
N ASP A 162 0.91 -8.63 16.90
CA ASP A 162 1.19 -9.52 18.02
C ASP A 162 1.91 -8.83 19.18
N LYS A 163 1.76 -9.42 20.35
CA LYS A 163 2.37 -8.89 21.56
C LYS A 163 3.87 -8.57 21.43
N GLU A 164 4.65 -9.45 20.82
CA GLU A 164 6.09 -9.21 20.67
C GLU A 164 6.47 -7.85 20.06
N TRP A 165 5.59 -7.29 19.24
CA TRP A 165 5.82 -6.01 18.59
C TRP A 165 4.97 -4.86 19.15
N SER A 166 4.23 -5.15 20.22
CA SER A 166 3.34 -4.19 20.85
C SER A 166 3.97 -2.92 21.45
N SER A 167 5.28 -2.95 21.69
CA SER A 167 5.92 -1.76 22.23
C SER A 167 6.29 -0.85 21.06
N VAL A 168 6.38 -1.43 19.87
CA VAL A 168 6.74 -0.65 18.69
C VAL A 168 5.53 -0.17 17.88
N TRP A 169 4.80 -1.10 17.30
CA TRP A 169 3.61 -0.73 16.54
C TRP A 169 2.41 -0.58 17.47
N LYS A 170 1.68 0.54 17.28
CA LYS A 170 0.50 0.87 18.05
C LYS A 170 -0.68 1.13 17.11
N LYS A 171 -1.86 0.64 17.49
CA LYS A 171 -3.06 0.85 16.68
C LYS A 171 -3.66 2.19 17.02
N GLU A 172 -3.96 3.00 15.99
CA GLU A 172 -4.53 4.32 16.18
C GLU A 172 -6.06 4.29 16.40
N LYS A 173 -6.60 5.39 16.93
CA LYS A 173 -8.04 5.50 17.16
C LYS A 173 -8.72 5.54 15.79
N HIS A 174 -9.98 5.17 15.76
CA HIS A 174 -10.71 5.17 14.51
C HIS A 174 -10.77 6.56 13.89
N SER A 175 -11.12 7.54 14.70
CA SER A 175 -11.19 8.93 14.25
C SER A 175 -9.85 9.38 13.66
N ASP A 176 -8.73 8.90 14.20
CA ASP A 176 -7.42 9.29 13.68
C ASP A 176 -7.23 8.72 12.29
N LEU A 177 -7.71 7.51 12.09
CA LEU A 177 -7.63 6.87 10.79
C LEU A 177 -8.43 7.76 9.81
N GLU A 178 -9.71 7.99 10.13
CA GLU A 178 -10.59 8.80 9.28
C GLU A 178 -9.99 10.16 8.97
N SER A 179 -9.24 10.69 9.92
CA SER A 179 -8.57 11.97 9.76
C SER A 179 -7.45 11.87 8.70
N TRP A 180 -6.61 10.84 8.81
CA TRP A 180 -5.49 10.65 7.87
C TRP A 180 -6.01 10.38 6.48
N VAL A 181 -7.11 9.64 6.41
CA VAL A 181 -7.73 9.31 5.14
C VAL A 181 -8.66 10.44 4.70
N GLY A 182 -8.75 11.46 5.54
CA GLY A 182 -9.58 12.61 5.22
C GLY A 182 -11.08 12.32 5.24
N THR A 183 -11.54 11.56 4.25
CA THR A 183 -12.96 11.22 4.14
C THR A 183 -13.40 10.27 5.24
N LYS A 184 -14.70 9.99 5.28
CA LYS A 184 -15.28 9.10 6.27
C LYS A 184 -14.96 7.65 5.93
N VAL A 185 -14.98 6.79 6.93
CA VAL A 185 -14.69 5.38 6.74
C VAL A 185 -15.45 4.54 7.77
N PRO A 186 -15.98 3.39 7.34
CA PRO A 186 -16.74 2.50 8.22
C PRO A 186 -16.02 2.07 9.49
N HIS A 187 -16.77 2.03 10.58
CA HIS A 187 -16.26 1.62 11.88
C HIS A 187 -16.67 0.16 12.00
N GLY A 188 -16.05 -0.58 12.90
CA GLY A 188 -16.42 -1.99 13.06
C GLY A 188 -16.21 -2.84 11.81
N LYS A 189 -16.77 -4.04 11.80
CA LYS A 189 -16.60 -4.95 10.68
C LYS A 189 -17.57 -4.76 9.51
N ILE A 190 -17.18 -5.26 8.34
CA ILE A 190 -18.00 -5.16 7.13
C ILE A 190 -18.12 -6.54 6.48
N ASN A 191 -19.33 -7.08 6.47
CA ASN A 191 -19.57 -8.39 5.89
C ASN A 191 -19.84 -8.27 4.39
N GLU A 192 -19.03 -8.95 3.59
CA GLU A 192 -19.19 -8.90 2.14
C GLU A 192 -18.82 -10.25 1.52
N ASP A 193 -19.78 -10.86 0.83
CA ASP A 193 -19.59 -12.15 0.18
C ASP A 193 -19.14 -13.25 1.15
N GLY A 194 -19.72 -13.24 2.34
CA GLY A 194 -19.37 -14.24 3.34
C GLY A 194 -18.09 -13.96 4.08
N PHE A 195 -17.60 -12.72 4.01
CA PHE A 195 -16.36 -12.33 4.69
C PHE A 195 -16.54 -11.18 5.67
N ASP A 196 -15.92 -11.31 6.84
CA ASP A 196 -15.97 -10.26 7.86
C ASP A 196 -14.59 -9.62 7.99
N TYR A 197 -14.50 -8.32 7.74
CA TYR A 197 -13.22 -7.66 7.84
C TYR A 197 -13.36 -6.28 8.47
N GLU A 198 -12.24 -5.69 8.83
CA GLU A 198 -12.24 -4.37 9.44
C GLU A 198 -11.00 -3.59 9.03
N PHE A 199 -11.07 -2.27 9.10
CA PHE A 199 -9.92 -1.46 8.71
C PHE A 199 -9.21 -0.91 9.95
N GLU A 200 -7.88 -1.00 9.95
CA GLU A 200 -7.12 -0.49 11.09
C GLU A 200 -5.93 0.28 10.59
N MET A 201 -5.48 1.23 11.40
CA MET A 201 -4.29 1.99 11.07
C MET A 201 -3.28 1.80 12.19
N TRP A 202 -2.06 1.46 11.83
CA TRP A 202 -0.98 1.26 12.81
C TRP A 202 0.20 2.15 12.47
N THR A 203 0.82 2.74 13.49
CA THR A 203 1.98 3.60 13.31
C THR A 203 3.03 3.30 14.38
N ARG A 204 4.24 3.83 14.13
CA ARG A 204 5.35 3.66 15.05
C ARG A 204 6.22 4.93 15.01
N ASP A 205 7.06 5.14 16.01
CA ASP A 205 7.93 6.31 15.97
C ASP A 205 9.16 5.92 15.16
N LEU A 206 9.74 6.88 14.45
CA LEU A 206 10.93 6.65 13.65
C LEU A 206 12.16 6.93 14.50
PA NAP B . 5.64 -9.11 -5.43
O1A NAP B . 4.55 -8.38 -5.98
O2A NAP B . 6.50 -8.63 -4.38
O5B NAP B . 6.53 -9.62 -6.76
C5B NAP B . 7.76 -10.44 -6.44
C4B NAP B . 8.70 -9.81 -7.55
O4B NAP B . 8.87 -8.59 -7.19
C3B NAP B . 10.19 -10.52 -7.47
O3B NAP B . 10.07 -11.75 -8.36
C2B NAP B . 10.93 -9.25 -7.91
O2B NAP B . 10.95 -9.09 -9.31
C1B NAP B . 10.20 -8.04 -7.33
N9A NAP B . 10.80 -7.50 -6.11
C8A NAP B . 10.20 -7.49 -4.89
N7A NAP B . 10.90 -6.98 -3.94
C5A NAP B . 12.06 -6.62 -4.64
C6A NAP B . 13.41 -5.94 -4.21
N6A NAP B . 13.54 -5.60 -2.93
N1A NAP B . 14.39 -5.73 -5.19
C2A NAP B . 14.13 -6.14 -6.48
N3A NAP B . 13.00 -6.74 -6.95
C4A NAP B . 11.99 -6.95 -5.93
O3 NAP B . 5.14 -10.58 -5.14
PN NAP B . 5.23 -11.79 -4.01
O1N NAP B . 5.98 -11.54 -2.85
O2N NAP B . 5.81 -12.81 -4.83
O5D NAP B . 3.77 -12.29 -3.78
C5D NAP B . 2.77 -12.62 -4.77
C4D NAP B . 1.47 -13.12 -4.43
O4D NAP B . 0.52 -12.26 -3.60
C3D NAP B . 0.77 -13.41 -5.75
O3D NAP B . 0.60 -14.84 -5.90
C2D NAP B . -0.64 -12.75 -5.76
O2D NAP B . -1.70 -13.63 -5.92
C1D NAP B . -0.76 -12.04 -4.40
N1N NAP B . -1.16 -10.57 -4.26
C2N NAP B . -2.42 -10.37 -3.44
C3N NAP B . -2.87 -9.11 -3.24
C7N NAP B . -4.20 -8.98 -2.39
O7N NAP B . -4.55 -7.87 -2.25
N7N NAP B . -4.82 -10.04 -1.90
C4N NAP B . -2.12 -7.83 -3.84
C5N NAP B . -0.82 -8.19 -4.66
C6N NAP B . -0.44 -9.54 -4.81
P2B NAP B . 12.29 -9.74 -10.28
O1X NAP B . 13.49 -9.22 -9.70
O2X NAP B . 11.73 -9.25 -11.58
O3X NAP B . 12.08 -11.18 -10.10
C2' TQT C . -5.57 -3.44 0.64
C4' TQT C . -3.65 -3.56 -0.74
C4B TQT C . -4.55 -4.17 -1.87
C6' TQT C . -5.20 -4.48 -4.32
C7' TQT C . -6.45 -5.34 -3.86
C8B TQT C . -5.91 -4.32 -1.52
C9' TQT C . -4.64 -4.91 -5.77
C'0 TQT C . -6.42 -3.78 -7.38
C'1 TQT C . -6.13 -6.18 -7.42
C'2 TQT C . -5.73 -7.52 -7.23
C'3 TQT C . -6.46 -8.61 -8.10
C'4 TQT C . -7.45 -8.18 -9.00
C'5 TQT C . -7.77 -6.83 -9.14
C'6 TQT C . -7.11 -5.85 -8.36
C'7 TQT C . -7.41 -4.39 -8.44
N1' TQT C . -6.31 -3.94 -0.28
N2' TQT C . -6.19 -3.07 1.90
N3' TQT C . -4.23 -3.23 0.41
N4' TQT C . -2.26 -3.36 -1.00
C5' TQT C . -4.05 -4.57 -3.25
C8' TQT C . -6.99 -4.89 -2.41
N'0 TQT C . -5.69 -4.91 -6.81
#